data_8U0O
#
_entry.id   8U0O
#
_cell.length_a   58.971
_cell.length_b   58.971
_cell.length_c   211.248
_cell.angle_alpha   90.000
_cell.angle_beta   90.000
_cell.angle_gamma   120.000
#
_symmetry.space_group_name_H-M   'P 32 2 1'
#
loop_
_entity.id
_entity.type
_entity.pdbx_description
1 polymer 'DNA polymerase lambda'
2 polymer "DNA (5'-D(*AP*CP*GP*CP*GP*GP*CP*A)-3')"
3 polymer "DNA (5'-D(P*GP*CP*CP*GP*CP*GP*TP*A)-3')"
4 non-polymer 'SODIUM ION'
5 non-polymer 'PHOSPHATE ION'
6 non-polymer 'CHLORIDE ION'
7 non-polymer 1,2-ETHANEDIOL
8 water water
#
loop_
_entity_poly.entity_id
_entity_poly.type
_entity_poly.pdbx_seq_one_letter_code
_entity_poly.pdbx_strand_id
1 'polypeptide(L)'
;GSAAAVLDKWVCAQPSSQKATNHNLHITEKLEVLAKAYSVQGDKWRALGYAKAINALKSFHKPVTSYQEACSIPGIGKRM
AEKIIEILESGHLRKLDHISESVPVLELFSNIWGAGTKTAQMWYQQGFRSLEDIRSQASLTTQQAIGLKHYSDFLERMPR
EEATEIEQTVQKAAQAFNSGLLCVACGSYRRGKATCGDVDVLITHPDGRSHRGIFSRLLDSLRQEGFLTDDLVKGETKYL
GVCRLPGPGRRHRRLDIIVVPYSEFACALLYFTGSAHFNRSMRALAKTKGMSLSEHALSTAVVRNTHGCKVGPGRVLPTP
TEKDVFRLLGLPYREPAERDW
;
A
2 'polydeoxyribonucleotide' (DA)(DC)(DG)(DC)(DG)(DG)(DC)(DA) T
3 'polydeoxyribonucleotide' (DG)(DC)(DC)(DG)(DC)(DG)(DT)(DA) P
#
# COMPACT_ATOMS: atom_id res chain seq x y z
N THR A 21 3.75 20.20 8.08
CA THR A 21 4.46 20.71 6.91
C THR A 21 5.92 20.31 6.95
N ASN A 22 6.42 19.83 5.82
CA ASN A 22 7.82 19.43 5.73
C ASN A 22 8.72 20.66 5.67
N HIS A 23 9.50 20.86 6.72
CA HIS A 23 10.50 21.92 6.75
C HIS A 23 11.80 21.53 6.06
N ASN A 24 11.90 20.31 5.57
CA ASN A 24 13.15 19.80 5.00
C ASN A 24 12.93 19.26 3.59
N LEU A 25 12.06 19.89 2.82
CA LEU A 25 11.95 19.57 1.40
C LEU A 25 13.27 19.77 0.67
N HIS A 26 14.21 20.52 1.27
CA HIS A 26 15.49 20.80 0.63
C HIS A 26 16.25 19.53 0.29
N ILE A 27 15.96 18.42 0.97
CA ILE A 27 16.78 17.22 0.86
C ILE A 27 15.93 15.99 0.57
N THR A 28 14.72 15.93 1.15
CA THR A 28 13.87 14.76 0.92
C THR A 28 13.58 14.56 -0.57
N GLU A 29 13.42 15.67 -1.30
CA GLU A 29 13.39 15.63 -2.76
C GLU A 29 14.55 14.80 -3.29
N LYS A 30 15.79 15.17 -2.93
CA LYS A 30 16.95 14.47 -3.43
C LYS A 30 16.98 13.01 -2.98
N LEU A 31 16.40 12.70 -1.81
CA LEU A 31 16.55 11.37 -1.25
C LEU A 31 15.52 10.38 -1.74
N GLU A 32 14.30 10.84 -2.04
CA GLU A 32 13.33 9.95 -2.66
C GLU A 32 13.85 9.46 -4.00
N VAL A 33 14.67 10.25 -4.68
CA VAL A 33 15.29 9.77 -5.91
C VAL A 33 16.12 8.53 -5.64
N LEU A 34 17.08 8.63 -4.70
CA LEU A 34 17.88 7.47 -4.35
C LEU A 34 17.03 6.35 -3.81
N ALA A 35 16.07 6.67 -2.95
CA ALA A 35 15.19 5.65 -2.40
C ALA A 35 14.49 4.88 -3.51
N LYS A 36 13.95 5.60 -4.50
CA LYS A 36 13.23 4.90 -5.56
C LYS A 36 14.18 4.07 -6.40
N ALA A 37 15.40 4.55 -6.58
CA ALA A 37 16.36 3.79 -7.40
C ALA A 37 16.71 2.47 -6.73
N TYR A 38 17.03 2.50 -5.44
CA TYR A 38 17.29 1.24 -4.74
C TYR A 38 16.07 0.34 -4.79
N SER A 39 14.88 0.92 -4.71
CA SER A 39 13.68 0.12 -4.71
C SER A 39 13.52 -0.66 -6.00
N VAL A 40 13.52 0.03 -7.15
CA VAL A 40 13.29 -0.72 -8.38
C VAL A 40 14.48 -1.64 -8.67
N GLN A 41 15.63 -1.38 -8.07
CA GLN A 41 16.79 -2.25 -8.22
C GLN A 41 16.71 -3.48 -7.33
N GLY A 42 15.68 -3.59 -6.48
CA GLY A 42 15.50 -4.74 -5.62
C GLY A 42 16.26 -4.72 -4.31
N ASP A 43 16.88 -3.58 -3.96
CA ASP A 43 17.48 -3.40 -2.64
C ASP A 43 16.35 -2.96 -1.69
N LYS A 44 15.50 -3.96 -1.35
CA LYS A 44 14.31 -3.70 -0.54
C LYS A 44 14.65 -2.88 0.69
N TRP A 45 15.65 -3.33 1.46
CA TRP A 45 15.82 -2.82 2.81
C TRP A 45 16.69 -1.59 2.86
N ARG A 46 17.62 -1.44 1.93
CA ARG A 46 18.24 -0.14 1.76
C ARG A 46 17.14 0.91 1.58
N ALA A 47 16.27 0.68 0.58
CA ALA A 47 15.17 1.60 0.29
C ALA A 47 14.27 1.83 1.51
N LEU A 48 13.85 0.75 2.17
CA LEU A 48 13.21 0.85 3.46
C LEU A 48 13.91 1.84 4.39
N GLY A 49 15.21 1.61 4.63
CA GLY A 49 15.95 2.52 5.50
C GLY A 49 15.80 3.97 5.08
N TYR A 50 15.91 4.23 3.78
CA TYR A 50 15.80 5.60 3.27
C TYR A 50 14.38 6.14 3.45
N ALA A 51 13.39 5.35 3.04
CA ALA A 51 12.00 5.74 3.25
C ALA A 51 11.76 6.11 4.71
N LYS A 52 12.30 5.33 5.64
CA LYS A 52 12.08 5.60 7.05
C LYS A 52 12.69 6.94 7.46
N ALA A 53 13.92 7.21 7.00
CA ALA A 53 14.56 8.50 7.31
C ALA A 53 13.79 9.65 6.69
N ILE A 54 13.36 9.49 5.42
CA ILE A 54 12.60 10.54 4.75
C ILE A 54 11.42 10.95 5.61
N ASN A 55 10.65 9.97 6.08
CA ASN A 55 9.50 10.26 6.93
C ASN A 55 9.90 11.03 8.18
N ALA A 56 11.05 10.69 8.78
CA ALA A 56 11.53 11.46 9.92
C ALA A 56 11.83 12.90 9.52
N LEU A 57 12.51 13.08 8.37
CA LEU A 57 12.81 14.42 7.87
C LEU A 57 11.54 15.23 7.63
N LYS A 58 10.53 14.61 7.00
CA LYS A 58 9.29 15.33 6.71
C LYS A 58 8.66 15.86 7.99
N SER A 59 8.75 15.11 9.08
CA SER A 59 8.01 15.41 10.30
C SER A 59 8.80 16.15 11.37
N PHE A 60 10.13 16.25 11.24
CA PHE A 60 10.89 16.94 12.27
C PHE A 60 10.48 18.40 12.32
N HIS A 61 10.38 18.93 13.55
CA HIS A 61 9.74 20.21 13.80
C HIS A 61 10.37 21.37 13.06
N LYS A 62 11.61 21.22 12.60
CA LYS A 62 12.33 22.35 12.02
C LYS A 62 13.27 21.83 10.95
N PRO A 63 13.83 22.73 10.14
CA PRO A 63 14.93 22.31 9.25
C PRO A 63 16.17 21.93 10.04
N VAL A 64 16.81 20.85 9.59
CA VAL A 64 18.03 20.36 10.23
C VAL A 64 19.22 21.13 9.66
N THR A 65 20.14 21.53 10.54
CA THR A 65 21.24 22.39 10.12
C THR A 65 22.59 22.04 10.74
N SER A 66 22.78 20.81 11.19
CA SER A 66 24.08 20.41 11.72
C SER A 66 24.17 18.90 11.78
N TYR A 67 25.41 18.40 11.81
CA TYR A 67 25.62 16.96 11.88
C TYR A 67 25.22 16.39 13.23
N GLN A 68 25.41 17.16 14.31
CA GLN A 68 24.98 16.69 15.62
C GLN A 68 23.49 16.37 15.62
N GLU A 69 22.67 17.28 15.08
CA GLU A 69 21.24 17.07 15.02
C GLU A 69 20.80 16.13 13.91
N ALA A 70 21.69 15.80 12.97
CA ALA A 70 21.36 14.80 11.96
C ALA A 70 21.15 13.46 12.62
N CYS A 71 22.23 12.90 13.14
CA CYS A 71 22.19 11.65 13.89
C CYS A 71 21.19 11.69 15.04
N SER A 72 20.78 12.89 15.48
CA SER A 72 19.80 12.99 16.56
C SER A 72 18.51 12.25 16.20
N ILE A 73 18.02 12.45 14.98
CA ILE A 73 16.72 11.86 14.62
C ILE A 73 16.85 10.35 14.52
N PRO A 74 16.00 9.57 15.19
CA PRO A 74 16.01 8.12 14.97
C PRO A 74 15.73 7.80 13.50
N GLY A 75 16.56 6.93 12.94
CA GLY A 75 16.50 6.59 11.52
C GLY A 75 17.62 7.19 10.70
N ILE A 76 18.50 7.98 11.30
CA ILE A 76 19.65 8.58 10.61
C ILE A 76 20.88 8.26 11.44
N GLY A 77 21.83 7.56 10.84
CA GLY A 77 23.11 7.30 11.46
C GLY A 77 24.19 7.90 10.61
N LYS A 78 25.39 7.30 10.61
CA LYS A 78 26.50 7.83 9.86
C LYS A 78 26.15 8.05 8.39
N ARG A 79 25.92 6.97 7.64
CA ARG A 79 25.82 7.07 6.19
C ARG A 79 24.73 8.07 5.78
N MET A 80 23.66 8.16 6.57
CA MET A 80 22.57 9.06 6.19
C MET A 80 22.80 10.49 6.66
N ALA A 81 23.41 10.66 7.84
CA ALA A 81 23.68 12.01 8.32
C ALA A 81 24.55 12.78 7.33
N GLU A 82 25.45 12.08 6.64
CA GLU A 82 26.34 12.70 5.68
C GLU A 82 25.56 13.35 4.54
N LYS A 83 24.81 12.54 3.78
CA LYS A 83 24.10 13.04 2.61
C LYS A 83 23.23 14.25 2.94
N ILE A 84 22.76 14.35 4.18
CA ILE A 84 22.08 15.56 4.61
C ILE A 84 23.07 16.72 4.70
N ILE A 85 24.23 16.47 5.32
CA ILE A 85 25.25 17.50 5.46
C ILE A 85 25.97 17.78 4.15
N GLU A 86 25.87 16.87 3.17
CA GLU A 86 26.39 17.17 1.84
C GLU A 86 25.43 18.08 1.10
N ILE A 87 24.15 17.72 1.06
CA ILE A 87 23.17 18.53 0.34
C ILE A 87 23.12 19.93 0.91
N LEU A 88 23.22 20.05 2.23
CA LEU A 88 23.18 21.38 2.85
C LEU A 88 24.40 22.20 2.47
N GLU A 89 25.59 21.60 2.51
CA GLU A 89 26.80 22.34 2.20
C GLU A 89 27.03 22.46 0.70
N SER A 90 26.51 21.53 -0.09
CA SER A 90 26.74 21.51 -1.53
C SER A 90 25.51 21.80 -2.37
N GLY A 91 24.31 21.68 -1.80
CA GLY A 91 23.12 21.82 -2.59
C GLY A 91 22.87 20.71 -3.57
N HIS A 92 23.57 19.58 -3.42
CA HIS A 92 23.44 18.48 -4.37
C HIS A 92 23.86 17.20 -3.66
N LEU A 93 23.60 16.08 -4.33
CA LEU A 93 23.93 14.75 -3.84
C LEU A 93 24.81 14.05 -4.86
N ARG A 94 26.01 13.65 -4.45
CA ARG A 94 26.97 13.07 -5.39
C ARG A 94 26.45 11.76 -5.97
N LYS A 95 25.92 10.88 -5.12
CA LYS A 95 25.51 9.56 -5.58
C LYS A 95 24.42 9.62 -6.64
N LEU A 96 23.69 10.74 -6.75
CA LEU A 96 22.63 10.83 -7.75
C LEU A 96 23.19 10.84 -9.17
N ASP A 97 24.44 11.28 -9.33
CA ASP A 97 25.09 11.14 -10.63
C ASP A 97 25.48 9.69 -10.89
N HIS A 98 25.89 8.96 -9.83
CA HIS A 98 26.21 7.53 -9.93
C HIS A 98 24.97 6.70 -9.61
N ILE A 99 23.99 6.77 -10.53
CA ILE A 99 22.76 5.99 -10.46
C ILE A 99 22.60 5.21 -11.77
N SER A 100 22.49 3.90 -11.67
CA SER A 100 22.55 3.07 -12.86
C SER A 100 21.58 3.51 -13.95
N GLU A 101 22.05 3.39 -15.19
CA GLU A 101 21.28 3.82 -16.35
C GLU A 101 19.99 3.02 -16.51
N SER A 102 19.95 1.81 -15.95
CA SER A 102 18.80 0.93 -16.13
C SER A 102 17.59 1.34 -15.29
N VAL A 103 17.81 2.14 -14.25
CA VAL A 103 16.77 2.37 -13.24
C VAL A 103 15.45 2.79 -13.87
N PRO A 104 15.39 3.77 -14.78
CA PRO A 104 14.09 4.12 -15.34
C PRO A 104 13.40 2.96 -16.04
N VAL A 105 14.14 2.10 -16.73
CA VAL A 105 13.47 0.98 -17.36
C VAL A 105 13.02 -0.03 -16.33
N LEU A 106 13.79 -0.18 -15.25
CA LEU A 106 13.35 -1.08 -14.18
C LEU A 106 12.07 -0.58 -13.56
N GLU A 107 11.95 0.75 -13.36
CA GLU A 107 10.74 1.32 -12.80
C GLU A 107 9.55 1.09 -13.72
N LEU A 108 9.76 1.33 -15.02
CA LEU A 108 8.72 1.06 -15.99
C LEU A 108 8.20 -0.37 -15.86
N PHE A 109 9.11 -1.34 -15.78
CA PHE A 109 8.65 -2.72 -15.82
C PHE A 109 8.00 -3.14 -14.52
N SER A 110 8.45 -2.62 -13.38
CA SER A 110 7.86 -3.02 -12.12
C SER A 110 6.62 -2.20 -11.77
N ASN A 111 6.31 -1.17 -12.55
CA ASN A 111 5.01 -0.53 -12.49
C ASN A 111 3.91 -1.40 -13.08
N ILE A 112 4.27 -2.50 -13.73
CA ILE A 112 3.30 -3.50 -14.14
C ILE A 112 2.91 -4.27 -12.91
N TRP A 113 1.60 -4.33 -12.61
CA TRP A 113 1.14 -5.10 -11.49
C TRP A 113 1.39 -6.59 -11.77
N GLY A 114 2.00 -7.27 -10.80
CA GLY A 114 2.37 -8.67 -10.95
C GLY A 114 3.82 -8.91 -11.37
N ALA A 115 4.53 -7.85 -11.76
CA ALA A 115 5.95 -7.87 -12.09
C ALA A 115 6.71 -7.10 -11.02
N GLY A 116 7.61 -7.77 -10.32
CA GLY A 116 8.47 -7.15 -9.33
C GLY A 116 9.90 -6.97 -9.83
N THR A 117 10.80 -6.63 -8.89
CA THR A 117 12.16 -6.29 -9.24
C THR A 117 12.86 -7.47 -9.91
N LYS A 118 12.66 -8.68 -9.38
CA LYS A 118 13.34 -9.85 -9.98
C LYS A 118 12.82 -10.05 -11.40
N THR A 119 11.50 -9.88 -11.62
CA THR A 119 11.02 -10.03 -13.00
C THR A 119 11.55 -8.90 -13.88
N ALA A 120 11.66 -7.67 -13.32
CA ALA A 120 12.10 -6.58 -14.18
C ALA A 120 13.60 -6.65 -14.49
N GLN A 121 14.41 -7.17 -13.56
CA GLN A 121 15.81 -7.44 -13.86
C GLN A 121 15.95 -8.49 -14.97
N MET A 122 15.14 -9.53 -14.93
CA MET A 122 15.19 -10.54 -15.97
C MET A 122 14.94 -9.92 -17.33
N TRP A 123 13.78 -9.28 -17.50
CA TRP A 123 13.41 -8.67 -18.76
C TRP A 123 14.46 -7.65 -19.20
N TYR A 124 15.08 -6.98 -18.23
CA TYR A 124 16.17 -6.09 -18.61
C TYR A 124 17.33 -6.91 -19.17
N GLN A 125 17.83 -7.89 -18.41
CA GLN A 125 18.95 -8.68 -18.88
C GLN A 125 18.59 -9.59 -20.05
N GLN A 126 17.30 -9.79 -20.37
CA GLN A 126 16.95 -10.40 -21.64
C GLN A 126 17.03 -9.38 -22.78
N GLY A 127 17.21 -8.09 -22.48
CA GLY A 127 17.35 -7.04 -23.47
C GLY A 127 16.15 -6.14 -23.68
N PHE A 128 15.07 -6.31 -22.92
CA PHE A 128 13.86 -5.52 -23.13
C PHE A 128 14.08 -4.12 -22.56
N ARG A 129 13.51 -3.12 -23.25
CA ARG A 129 13.63 -1.74 -22.81
C ARG A 129 12.34 -0.94 -22.86
N SER A 130 11.26 -1.47 -23.43
CA SER A 130 10.05 -0.68 -23.64
C SER A 130 8.84 -1.53 -23.33
N LEU A 131 7.69 -0.88 -23.13
CA LEU A 131 6.48 -1.67 -22.88
C LEU A 131 6.04 -2.42 -24.14
N GLU A 132 6.21 -1.81 -25.31
CA GLU A 132 5.97 -2.53 -26.56
C GLU A 132 6.83 -3.79 -26.63
N ASP A 133 8.08 -3.70 -26.17
CA ASP A 133 8.93 -4.89 -26.10
C ASP A 133 8.29 -6.00 -25.27
N ILE A 134 7.63 -5.62 -24.17
CA ILE A 134 7.03 -6.61 -23.28
C ILE A 134 5.80 -7.23 -23.94
N ARG A 135 4.93 -6.39 -24.50
CA ARG A 135 3.77 -6.90 -25.20
C ARG A 135 4.16 -7.82 -26.35
N SER A 136 5.39 -7.70 -26.89
CA SER A 136 5.81 -8.45 -28.08
C SER A 136 6.48 -9.77 -27.69
N GLN A 137 7.67 -9.68 -27.11
CA GLN A 137 8.54 -10.83 -26.93
C GLN A 137 8.51 -11.43 -25.54
N ALA A 138 8.15 -10.66 -24.53
CA ALA A 138 8.25 -11.16 -23.16
C ALA A 138 7.14 -12.16 -22.87
N SER A 139 7.48 -13.16 -22.07
CA SER A 139 6.48 -14.10 -21.58
C SER A 139 5.87 -13.52 -20.30
N LEU A 140 4.55 -13.60 -20.19
CA LEU A 140 3.84 -12.96 -19.09
C LEU A 140 2.98 -13.97 -18.37
N THR A 141 2.99 -13.93 -17.04
CA THR A 141 1.96 -14.58 -16.27
C THR A 141 0.62 -13.91 -16.54
N THR A 142 -0.47 -14.57 -16.14
CA THR A 142 -1.80 -14.02 -16.31
C THR A 142 -1.93 -12.67 -15.66
N GLN A 143 -1.44 -12.54 -14.42
CA GLN A 143 -1.51 -11.27 -13.71
C GLN A 143 -0.75 -10.16 -14.43
N GLN A 144 0.42 -10.47 -14.98
CA GLN A 144 1.22 -9.45 -15.64
C GLN A 144 0.58 -9.00 -16.93
N ALA A 145 -0.17 -9.89 -17.59
CA ALA A 145 -0.83 -9.47 -18.83
C ALA A 145 -1.98 -8.54 -18.50
N ILE A 146 -2.72 -8.85 -17.44
CA ILE A 146 -3.74 -7.92 -16.95
C ILE A 146 -3.11 -6.60 -16.53
N GLY A 147 -2.02 -6.67 -15.77
CA GLY A 147 -1.32 -5.46 -15.34
C GLY A 147 -0.87 -4.58 -16.48
N LEU A 148 -0.29 -5.18 -17.51
CA LEU A 148 0.21 -4.44 -18.66
C LEU A 148 -0.96 -3.89 -19.50
N LYS A 149 -2.01 -4.67 -19.67
CA LYS A 149 -3.19 -4.19 -20.38
C LYS A 149 -3.76 -2.91 -19.75
N HIS A 150 -3.75 -2.84 -18.41
CA HIS A 150 -4.27 -1.70 -17.67
C HIS A 150 -3.20 -0.79 -17.15
N TYR A 151 -2.04 -0.73 -17.83
CA TYR A 151 -0.86 -0.08 -17.30
C TYR A 151 -1.16 1.37 -16.91
N SER A 152 -1.73 2.13 -17.85
CA SER A 152 -1.98 3.55 -17.61
C SER A 152 -3.10 3.79 -16.60
N ASP A 153 -4.21 3.06 -16.74
CA ASP A 153 -5.27 3.18 -15.75
C ASP A 153 -4.77 2.98 -14.33
N PHE A 154 -3.89 2.00 -14.13
CA PHE A 154 -3.46 1.59 -12.80
C PHE A 154 -2.44 2.55 -12.20
N LEU A 155 -1.76 3.34 -13.02
CA LEU A 155 -0.90 4.37 -12.46
C LEU A 155 -1.68 5.64 -12.13
N GLU A 156 -2.95 5.73 -12.54
CA GLU A 156 -3.77 6.92 -12.30
C GLU A 156 -4.57 6.74 -11.03
N ARG A 157 -4.44 7.68 -10.11
CA ARG A 157 -5.28 7.65 -8.92
C ARG A 157 -6.68 8.14 -9.27
N MET A 158 -7.66 7.64 -8.52
CA MET A 158 -9.05 8.03 -8.66
C MET A 158 -9.44 9.04 -7.60
N PRO A 159 -10.36 9.96 -7.88
CA PRO A 159 -10.90 10.78 -6.80
C PRO A 159 -11.59 9.88 -5.80
N ARG A 160 -11.64 10.33 -4.56
CA ARG A 160 -12.25 9.47 -3.55
C ARG A 160 -13.73 9.25 -3.82
N GLU A 161 -14.42 10.20 -4.46
CA GLU A 161 -15.82 10.00 -4.79
C GLU A 161 -15.99 8.78 -5.71
N GLU A 162 -15.04 8.53 -6.61
CA GLU A 162 -15.13 7.29 -7.39
C GLU A 162 -14.95 6.06 -6.50
N ALA A 163 -13.99 6.10 -5.57
CA ALA A 163 -13.85 5.04 -4.59
C ALA A 163 -15.15 4.77 -3.85
N THR A 164 -15.86 5.83 -3.45
CA THR A 164 -17.15 5.67 -2.80
C THR A 164 -18.12 4.87 -3.68
N GLU A 165 -18.17 5.19 -4.97
CA GLU A 165 -19.07 4.47 -5.86
C GLU A 165 -18.67 3.01 -5.96
N ILE A 166 -17.35 2.74 -5.94
CA ILE A 166 -16.90 1.35 -5.96
C ILE A 166 -17.30 0.65 -4.66
N GLU A 167 -17.08 1.32 -3.50
CA GLU A 167 -17.53 0.72 -2.24
C GLU A 167 -19.03 0.44 -2.26
N GLN A 168 -19.81 1.43 -2.70
CA GLN A 168 -21.27 1.30 -2.68
C GLN A 168 -21.70 0.18 -3.62
N THR A 169 -21.00 0.02 -4.74
CA THR A 169 -21.31 -1.08 -5.66
C THR A 169 -21.16 -2.41 -4.94
N VAL A 170 -20.01 -2.63 -4.31
CA VAL A 170 -19.79 -3.86 -3.57
C VAL A 170 -20.79 -3.98 -2.44
N GLN A 171 -21.01 -2.90 -1.70
CA GLN A 171 -21.92 -2.94 -0.55
C GLN A 171 -23.33 -3.36 -0.97
N LYS A 172 -23.84 -2.81 -2.07
CA LYS A 172 -25.20 -3.13 -2.44
C LYS A 172 -25.31 -4.54 -2.99
N ALA A 173 -24.31 -4.98 -3.77
CA ALA A 173 -24.35 -6.36 -4.26
C ALA A 173 -24.33 -7.33 -3.09
N ALA A 174 -23.58 -6.98 -2.03
CA ALA A 174 -23.48 -7.86 -0.87
C ALA A 174 -24.74 -7.80 -0.01
N GLN A 175 -25.25 -6.60 0.24
CA GLN A 175 -26.36 -6.47 1.18
C GLN A 175 -27.64 -7.11 0.64
N ALA A 176 -27.71 -7.36 -0.65
CA ALA A 176 -28.83 -8.11 -1.19
C ALA A 176 -28.78 -9.57 -0.75
N PHE A 177 -27.59 -10.14 -0.57
CA PHE A 177 -27.49 -11.48 0.00
C PHE A 177 -27.84 -11.46 1.49
N ASN A 178 -27.37 -10.45 2.22
CA ASN A 178 -27.67 -10.30 3.64
C ASN A 178 -27.57 -8.84 4.02
N SER A 179 -28.66 -8.29 4.58
CA SER A 179 -28.74 -6.85 4.84
C SER A 179 -27.83 -6.42 5.98
N GLY A 180 -27.51 -7.31 6.91
CA GLY A 180 -26.72 -6.95 8.07
C GLY A 180 -25.23 -6.80 7.85
N LEU A 181 -24.74 -6.96 6.63
CA LEU A 181 -23.31 -6.96 6.40
C LEU A 181 -22.73 -5.55 6.55
N LEU A 182 -21.58 -5.48 7.22
CA LEU A 182 -20.77 -4.27 7.27
C LEU A 182 -19.81 -4.31 6.11
N CYS A 183 -19.72 -3.19 5.39
CA CYS A 183 -18.81 -3.06 4.23
C CYS A 183 -18.12 -1.73 4.37
N VAL A 184 -16.79 -1.74 4.43
CA VAL A 184 -16.00 -0.55 4.69
C VAL A 184 -14.81 -0.49 3.75
N ALA A 185 -14.69 0.60 2.99
CA ALA A 185 -13.50 0.82 2.18
C ALA A 185 -12.38 1.34 3.06
N CYS A 186 -11.20 0.84 2.91
CA CYS A 186 -10.10 1.10 3.84
C CYS A 186 -9.02 1.93 3.14
N GLY A 187 -7.75 1.65 3.27
CA GLY A 187 -6.73 2.33 2.54
C GLY A 187 -6.70 3.81 2.75
N SER A 188 -6.16 4.50 1.78
CA SER A 188 -6.07 5.94 1.89
C SER A 188 -7.43 6.57 1.77
N TYR A 189 -8.42 5.87 1.17
CA TYR A 189 -9.81 6.33 1.21
C TYR A 189 -10.22 6.56 2.65
N ARG A 190 -10.02 5.55 3.51
CA ARG A 190 -10.43 5.72 4.90
C ARG A 190 -9.54 6.73 5.61
N ARG A 191 -8.31 6.96 5.15
CA ARG A 191 -7.47 7.95 5.82
C ARG A 191 -7.78 9.38 5.34
N GLY A 192 -8.75 9.58 4.43
CA GLY A 192 -9.24 10.90 4.08
C GLY A 192 -8.59 11.53 2.89
N LYS A 193 -7.76 10.80 2.15
CA LYS A 193 -7.09 11.37 1.00
C LYS A 193 -8.09 11.71 -0.10
N ALA A 194 -7.80 12.78 -0.83
CA ALA A 194 -8.70 13.23 -1.91
C ALA A 194 -8.59 12.36 -3.15
N THR A 195 -7.51 11.60 -3.28
CA THR A 195 -7.38 10.62 -4.35
C THR A 195 -6.80 9.35 -3.76
N CYS A 196 -7.08 8.24 -4.45
CA CYS A 196 -6.85 6.89 -3.95
C CYS A 196 -6.26 6.04 -5.05
N GLY A 197 -5.23 5.26 -4.71
CA GLY A 197 -4.57 4.45 -5.73
C GLY A 197 -5.37 3.22 -6.11
N ASP A 198 -6.16 2.70 -5.16
CA ASP A 198 -6.96 1.49 -5.33
C ASP A 198 -7.97 1.48 -4.21
N VAL A 199 -8.81 0.46 -4.20
CA VAL A 199 -9.86 0.34 -3.21
C VAL A 199 -9.80 -1.05 -2.60
N ASP A 200 -9.84 -1.11 -1.26
CA ASP A 200 -9.99 -2.33 -0.49
C ASP A 200 -11.29 -2.30 0.27
N VAL A 201 -12.20 -3.24 -0.01
CA VAL A 201 -13.49 -3.32 0.68
C VAL A 201 -13.47 -4.49 1.64
N LEU A 202 -13.63 -4.15 2.93
CA LEU A 202 -13.65 -5.10 4.04
C LEU A 202 -15.06 -5.40 4.44
N ILE A 203 -15.38 -6.69 4.54
CA ILE A 203 -16.77 -7.12 4.82
C ILE A 203 -16.76 -8.06 6.01
N THR A 204 -17.71 -7.85 6.93
CA THR A 204 -17.96 -8.77 8.04
C THR A 204 -19.47 -8.78 8.35
N HIS A 205 -19.86 -9.56 9.36
CA HIS A 205 -21.19 -9.55 9.88
C HIS A 205 -21.16 -9.52 11.41
N PRO A 206 -21.95 -8.64 12.06
CA PRO A 206 -21.94 -8.61 13.54
C PRO A 206 -22.41 -9.88 14.18
N ASP A 207 -23.22 -10.69 13.50
CA ASP A 207 -23.72 -11.87 14.16
C ASP A 207 -22.66 -12.98 14.26
N GLY A 208 -21.43 -12.70 13.79
CA GLY A 208 -20.34 -13.65 13.88
C GLY A 208 -20.45 -14.86 12.96
N ARG A 209 -21.47 -14.94 12.12
CA ARG A 209 -21.89 -16.18 11.49
C ARG A 209 -22.08 -16.02 9.99
N SER A 210 -22.82 -15.00 9.58
CA SER A 210 -23.37 -14.84 8.25
C SER A 210 -22.35 -14.41 7.21
N HIS A 211 -21.12 -14.06 7.63
CA HIS A 211 -20.04 -13.81 6.67
C HIS A 211 -19.65 -15.03 5.85
N ARG A 212 -20.02 -16.24 6.30
CA ARG A 212 -19.67 -17.47 5.57
C ARG A 212 -20.53 -17.64 4.33
N GLY A 213 -19.94 -18.20 3.26
CA GLY A 213 -20.65 -18.54 2.03
C GLY A 213 -20.76 -17.47 0.96
N ILE A 214 -21.02 -16.23 1.39
CA ILE A 214 -21.36 -15.19 0.43
C ILE A 214 -20.20 -14.71 -0.43
N PHE A 215 -18.96 -15.05 -0.08
CA PHE A 215 -17.83 -14.55 -0.86
C PHE A 215 -17.92 -15.02 -2.29
N SER A 216 -18.03 -16.33 -2.49
CA SER A 216 -18.20 -16.88 -3.83
C SER A 216 -19.36 -16.20 -4.55
N ARG A 217 -20.55 -16.25 -3.95
CA ARG A 217 -21.74 -15.68 -4.61
C ARG A 217 -21.55 -14.21 -4.97
N LEU A 218 -20.93 -13.42 -4.09
CA LEU A 218 -20.81 -11.99 -4.35
C LEU A 218 -19.88 -11.73 -5.54
N LEU A 219 -18.77 -12.46 -5.64
CA LEU A 219 -17.88 -12.22 -6.76
C LEU A 219 -18.57 -12.60 -8.07
N ASP A 220 -19.31 -13.71 -8.08
CA ASP A 220 -20.10 -14.04 -9.25
C ASP A 220 -21.04 -12.90 -9.59
N SER A 221 -21.88 -12.52 -8.63
CA SER A 221 -22.83 -11.44 -8.85
C SER A 221 -22.16 -10.20 -9.44
N LEU A 222 -20.99 -9.84 -8.93
CA LEU A 222 -20.27 -8.70 -9.48
C LEU A 222 -19.70 -9.02 -10.84
N ARG A 223 -19.19 -10.24 -11.03
CA ARG A 223 -18.77 -10.67 -12.36
C ARG A 223 -19.96 -10.67 -13.31
N GLN A 224 -21.12 -11.15 -12.86
CA GLN A 224 -22.27 -11.24 -13.74
C GLN A 224 -22.71 -9.86 -14.23
N GLU A 225 -22.46 -8.80 -13.46
CA GLU A 225 -22.94 -7.47 -13.82
C GLU A 225 -21.91 -6.68 -14.62
N GLY A 226 -20.75 -7.27 -14.92
CA GLY A 226 -19.71 -6.56 -15.63
C GLY A 226 -18.89 -5.62 -14.79
N PHE A 227 -19.10 -5.63 -13.47
CA PHE A 227 -18.34 -4.76 -12.61
C PHE A 227 -16.89 -5.25 -12.46
N LEU A 228 -16.71 -6.54 -12.19
CA LEU A 228 -15.37 -7.13 -12.15
C LEU A 228 -14.96 -7.47 -13.57
N THR A 229 -13.82 -6.92 -14.02
CA THR A 229 -13.37 -7.17 -15.38
C THR A 229 -12.28 -8.24 -15.44
N ASP A 230 -11.51 -8.42 -14.39
CA ASP A 230 -10.31 -9.27 -14.41
C ASP A 230 -10.04 -9.71 -12.98
N ASP A 231 -9.71 -11.00 -12.80
CA ASP A 231 -9.34 -11.55 -11.51
C ASP A 231 -7.81 -11.73 -11.43
N LEU A 232 -7.23 -11.35 -10.32
CA LEU A 232 -5.78 -11.41 -10.13
C LEU A 232 -5.37 -12.49 -9.14
N VAL A 233 -6.00 -12.51 -7.97
CA VAL A 233 -5.77 -13.49 -6.91
C VAL A 233 -7.13 -13.84 -6.34
N LYS A 234 -7.49 -15.12 -6.38
CA LYS A 234 -8.75 -15.59 -5.82
C LYS A 234 -8.40 -16.40 -4.58
N GLY A 235 -8.31 -15.74 -3.44
CA GLY A 235 -8.03 -16.42 -2.20
C GLY A 235 -9.32 -16.95 -1.57
N GLU A 236 -9.19 -17.54 -0.41
CA GLU A 236 -10.42 -18.03 0.21
C GLU A 236 -11.20 -16.92 0.91
N THR A 237 -10.53 -15.99 1.56
CA THR A 237 -11.19 -14.89 2.25
C THR A 237 -10.80 -13.54 1.67
N LYS A 238 -10.00 -13.53 0.61
CA LYS A 238 -9.41 -12.28 0.12
C LYS A 238 -9.31 -12.38 -1.40
N TYR A 239 -9.87 -11.39 -2.08
CA TYR A 239 -9.91 -11.34 -3.54
C TYR A 239 -9.13 -10.11 -3.95
N LEU A 240 -8.24 -10.28 -4.94
CA LEU A 240 -7.63 -9.13 -5.62
C LEU A 240 -8.03 -9.18 -7.08
N GLY A 241 -8.59 -8.08 -7.58
CA GLY A 241 -9.05 -8.04 -8.95
C GLY A 241 -9.06 -6.63 -9.50
N VAL A 242 -9.87 -6.46 -10.55
CA VAL A 242 -9.95 -5.27 -11.36
C VAL A 242 -11.43 -4.97 -11.58
N CYS A 243 -11.85 -3.73 -11.34
CA CYS A 243 -13.24 -3.37 -11.59
C CYS A 243 -13.30 -2.13 -12.44
N ARG A 244 -14.50 -1.83 -12.93
CA ARG A 244 -14.75 -0.63 -13.70
C ARG A 244 -16.21 -0.25 -13.55
N LEU A 245 -16.43 1.02 -13.24
CA LEU A 245 -17.81 1.50 -13.03
C LEU A 245 -18.60 1.47 -14.35
N PRO A 246 -19.93 1.47 -14.26
CA PRO A 246 -20.77 1.38 -15.46
C PRO A 246 -20.51 2.53 -16.42
N GLY A 247 -20.72 2.24 -17.70
CA GLY A 247 -20.85 3.28 -18.70
C GLY A 247 -19.53 3.59 -19.36
N PRO A 248 -19.48 4.64 -20.14
CA PRO A 248 -18.29 4.96 -20.92
C PRO A 248 -17.35 5.88 -20.17
N GLY A 249 -16.17 6.06 -20.75
CA GLY A 249 -15.20 7.01 -20.26
C GLY A 249 -14.46 6.62 -19.00
N ARG A 250 -14.68 5.44 -18.44
CA ARG A 250 -14.24 5.11 -17.10
C ARG A 250 -12.95 4.28 -17.16
N ARG A 251 -12.21 4.28 -16.05
CA ARG A 251 -10.94 3.58 -15.99
C ARG A 251 -11.03 2.31 -15.15
N HIS A 252 -10.27 1.29 -15.55
CA HIS A 252 -10.15 0.10 -14.72
C HIS A 252 -9.39 0.46 -13.48
N ARG A 253 -9.82 -0.10 -12.35
CA ARG A 253 -9.27 0.21 -11.05
C ARG A 253 -8.95 -1.08 -10.30
N ARG A 254 -7.90 -1.04 -9.52
CA ARG A 254 -7.58 -2.17 -8.63
C ARG A 254 -8.55 -2.21 -7.45
N LEU A 255 -9.20 -3.36 -7.27
CA LEU A 255 -10.14 -3.59 -6.17
C LEU A 255 -9.75 -4.86 -5.46
N ASP A 256 -9.65 -4.78 -4.13
CA ASP A 256 -9.53 -5.95 -3.26
C ASP A 256 -10.81 -6.05 -2.42
N ILE A 257 -11.30 -7.27 -2.24
CA ILE A 257 -12.44 -7.56 -1.37
C ILE A 257 -11.99 -8.60 -0.36
N ILE A 258 -12.15 -8.25 0.94
CA ILE A 258 -11.72 -9.08 2.05
C ILE A 258 -12.92 -9.35 2.96
N VAL A 259 -13.15 -10.63 3.26
CA VAL A 259 -14.21 -11.07 4.16
C VAL A 259 -13.58 -11.62 5.44
N VAL A 260 -14.04 -11.11 6.58
CA VAL A 260 -13.44 -11.47 7.86
C VAL A 260 -14.53 -11.73 8.88
N PRO A 261 -14.27 -12.67 9.79
N PRO A 261 -14.27 -12.67 9.79
CA PRO A 261 -15.17 -12.85 10.93
CA PRO A 261 -15.19 -12.85 10.92
C PRO A 261 -15.13 -11.60 11.79
C PRO A 261 -15.12 -11.62 11.82
N TYR A 262 -16.21 -11.42 12.57
CA TYR A 262 -16.39 -10.16 13.26
C TYR A 262 -15.32 -9.92 14.30
N SER A 263 -14.84 -10.99 14.95
CA SER A 263 -13.83 -10.81 15.99
C SER A 263 -12.50 -10.31 15.42
N GLU A 264 -12.27 -10.45 14.12
CA GLU A 264 -11.05 -9.93 13.49
C GLU A 264 -11.24 -8.55 12.87
N PHE A 265 -12.44 -7.97 12.97
CA PHE A 265 -12.76 -6.74 12.23
C PHE A 265 -11.84 -5.61 12.61
N ALA A 266 -11.52 -5.48 13.91
CA ALA A 266 -10.69 -4.36 14.34
C ALA A 266 -9.29 -4.47 13.77
N CYS A 267 -8.64 -5.61 13.95
CA CYS A 267 -7.30 -5.77 13.37
C CYS A 267 -7.35 -5.71 11.87
N ALA A 268 -8.43 -6.24 11.25
CA ALA A 268 -8.50 -6.13 9.78
C ALA A 268 -8.62 -4.67 9.35
N LEU A 269 -9.48 -3.91 10.03
CA LEU A 269 -9.61 -2.49 9.74
C LEU A 269 -8.28 -1.79 9.81
N LEU A 270 -7.59 -2.01 10.91
CA LEU A 270 -6.33 -1.33 11.15
C LEU A 270 -5.31 -1.66 10.07
N TYR A 271 -5.22 -2.95 9.69
CA TYR A 271 -4.24 -3.35 8.69
C TYR A 271 -4.54 -2.79 7.31
N PHE A 272 -5.78 -2.95 6.84
CA PHE A 272 -6.08 -2.52 5.47
C PHE A 272 -6.26 -0.99 5.36
N THR A 273 -6.48 -0.31 6.47
CA THR A 273 -6.41 1.16 6.49
C THR A 273 -4.96 1.65 6.43
N GLY A 274 -4.04 0.93 7.08
CA GLY A 274 -2.67 1.35 7.01
C GLY A 274 -2.46 2.72 7.63
N SER A 275 -1.48 3.46 7.08
CA SER A 275 -0.71 3.15 5.90
C SER A 275 0.28 1.98 6.13
N ALA A 276 1.01 1.62 5.08
CA ALA A 276 1.96 0.50 5.19
C ALA A 276 3.06 0.84 6.18
N HIS A 277 3.62 2.05 6.10
CA HIS A 277 4.59 2.50 7.08
C HIS A 277 4.03 2.47 8.50
N PHE A 278 2.77 2.85 8.64
CA PHE A 278 2.14 2.82 9.95
C PHE A 278 1.99 1.37 10.41
N ASN A 279 1.64 0.46 9.51
CA ASN A 279 1.54 -0.95 9.88
C ASN A 279 2.89 -1.49 10.32
N ARG A 280 3.96 -1.12 9.62
N ARG A 280 3.96 -1.12 9.62
CA ARG A 280 5.28 -1.63 9.96
CA ARG A 280 5.28 -1.63 9.96
C ARG A 280 5.69 -1.18 11.37
C ARG A 280 5.69 -1.18 11.37
N SER A 281 5.49 0.10 11.67
CA SER A 281 5.85 0.60 12.99
C SER A 281 5.03 -0.07 14.09
N MET A 282 3.73 -0.30 13.83
CA MET A 282 2.92 -0.98 14.83
C MET A 282 3.41 -2.39 15.05
N ARG A 283 3.74 -3.10 13.98
CA ARG A 283 4.24 -4.47 14.14
C ARG A 283 5.53 -4.47 14.93
N ALA A 284 6.44 -3.55 14.62
CA ALA A 284 7.66 -3.36 15.39
C ALA A 284 7.32 -3.11 16.84
N LEU A 285 6.41 -2.16 17.12
CA LEU A 285 6.10 -1.89 18.51
C LEU A 285 5.56 -3.14 19.19
N ALA A 286 4.61 -3.82 18.55
CA ALA A 286 4.09 -5.07 19.12
C ALA A 286 5.22 -6.05 19.42
N LYS A 287 6.25 -6.10 18.56
CA LYS A 287 7.34 -7.04 18.79
C LYS A 287 8.12 -6.66 20.04
N THR A 288 8.42 -5.37 20.20
CA THR A 288 9.12 -4.94 21.39
C THR A 288 8.30 -5.11 22.66
N LYS A 289 7.06 -5.60 22.58
CA LYS A 289 6.25 -5.87 23.76
C LYS A 289 5.81 -7.34 23.81
N GLY A 290 6.58 -8.23 23.20
CA GLY A 290 6.29 -9.66 23.21
C GLY A 290 5.12 -10.11 22.39
N MET A 291 4.58 -9.24 21.53
CA MET A 291 3.37 -9.51 20.77
C MET A 291 3.66 -9.42 19.27
N SER A 292 2.66 -9.82 18.49
CA SER A 292 2.73 -9.68 17.04
C SER A 292 1.35 -9.30 16.49
N LEU A 293 1.35 -8.42 15.49
CA LEU A 293 0.12 -7.86 14.93
C LEU A 293 0.06 -8.23 13.46
N SER A 294 -1.04 -8.88 13.10
CA SER A 294 -1.40 -9.21 11.73
C SER A 294 -2.75 -8.62 11.42
N GLU A 295 -3.17 -8.78 10.15
CA GLU A 295 -4.52 -8.39 9.73
C GLU A 295 -5.60 -9.16 10.48
N HIS A 296 -5.22 -10.28 11.11
CA HIS A 296 -6.14 -11.16 11.81
C HIS A 296 -6.26 -10.84 13.31
N ALA A 297 -5.16 -10.52 14.00
CA ALA A 297 -5.24 -10.48 15.44
C ALA A 297 -3.99 -9.83 16.03
N LEU A 298 -4.14 -9.39 17.27
CA LEU A 298 -3.03 -9.03 18.13
C LEU A 298 -2.81 -10.21 19.06
N SER A 299 -1.58 -10.71 19.09
CA SER A 299 -1.28 -12.03 19.62
C SER A 299 -0.07 -11.96 20.54
N THR A 300 0.21 -13.08 21.22
CA THR A 300 1.41 -13.24 22.05
C THR A 300 2.56 -13.98 21.34
N ARG A 315 -1.48 -16.88 21.33
CA ARG A 315 -2.71 -16.65 22.08
C ARG A 315 -3.24 -15.24 21.72
N VAL A 316 -4.49 -15.20 21.31
CA VAL A 316 -5.06 -14.03 20.68
C VAL A 316 -5.67 -13.14 21.73
N LEU A 317 -5.24 -11.90 21.78
CA LEU A 317 -5.80 -10.95 22.71
C LEU A 317 -7.05 -10.33 22.09
N PRO A 318 -8.24 -10.50 22.68
CA PRO A 318 -9.45 -9.92 22.05
C PRO A 318 -9.32 -8.42 21.84
N THR A 319 -9.79 -7.96 20.70
CA THR A 319 -9.70 -6.54 20.32
C THR A 319 -10.99 -6.13 19.61
N PRO A 320 -12.04 -5.82 20.36
CA PRO A 320 -13.32 -5.47 19.73
C PRO A 320 -13.25 -4.25 18.83
N THR A 321 -12.36 -3.27 19.11
CA THR A 321 -12.27 -2.07 18.26
C THR A 321 -10.81 -1.70 18.04
N GLU A 322 -10.57 -0.88 17.02
CA GLU A 322 -9.21 -0.37 16.81
C GLU A 322 -8.63 0.24 18.08
N LYS A 323 -9.46 0.95 18.88
CA LYS A 323 -8.99 1.58 20.11
C LYS A 323 -8.32 0.56 21.02
N ASP A 324 -8.87 -0.66 21.09
CA ASP A 324 -8.33 -1.66 22.00
C ASP A 324 -6.95 -2.10 21.57
N VAL A 325 -6.74 -2.32 20.26
CA VAL A 325 -5.39 -2.61 19.77
C VAL A 325 -4.43 -1.53 20.25
N PHE A 326 -4.81 -0.25 20.10
CA PHE A 326 -3.94 0.82 20.55
C PHE A 326 -3.69 0.73 22.07
N ARG A 327 -4.75 0.49 22.85
CA ARG A 327 -4.62 0.40 24.30
C ARG A 327 -3.55 -0.62 24.70
N LEU A 328 -3.61 -1.81 24.12
CA LEU A 328 -2.72 -2.89 24.53
C LEU A 328 -1.28 -2.55 24.25
N LEU A 329 -1.01 -1.81 23.17
CA LEU A 329 0.36 -1.47 22.83
C LEU A 329 0.84 -0.23 23.56
N GLY A 330 0.02 0.30 24.48
CA GLY A 330 0.42 1.46 25.27
C GLY A 330 0.44 2.73 24.45
N LEU A 331 -0.50 2.90 23.53
CA LEU A 331 -0.44 3.96 22.56
C LEU A 331 -1.71 4.78 22.54
N PRO A 332 -1.61 6.10 22.40
CA PRO A 332 -2.83 6.92 22.23
C PRO A 332 -3.51 6.60 20.91
N TYR A 333 -4.83 6.55 20.95
CA TYR A 333 -5.59 6.34 19.72
C TYR A 333 -5.16 7.38 18.68
N ARG A 334 -5.29 7.01 17.41
CA ARG A 334 -4.86 7.83 16.29
C ARG A 334 -5.93 7.68 15.23
N GLU A 335 -6.57 8.76 14.85
CA GLU A 335 -7.61 8.66 13.83
C GLU A 335 -6.98 8.17 12.52
N PRO A 336 -7.78 7.55 11.64
CA PRO A 336 -7.24 7.12 10.34
C PRO A 336 -6.48 8.20 9.62
N ALA A 337 -6.97 9.45 9.67
CA ALA A 337 -6.26 10.52 8.98
C ALA A 337 -4.88 10.77 9.58
N GLU A 338 -4.64 10.33 10.81
CA GLU A 338 -3.38 10.55 11.52
C GLU A 338 -2.40 9.41 11.34
N ARG A 339 -2.79 8.36 10.62
CA ARG A 339 -1.95 7.19 10.37
C ARG A 339 -1.29 7.26 9.01
N ASP A 340 -1.37 8.43 8.37
CA ASP A 340 -1.07 8.54 6.95
C ASP A 340 0.42 8.71 6.76
N TRP A 341 1.12 7.70 7.23
CA TRP A 341 2.55 7.70 7.25
C TRP A 341 3.05 7.22 5.89
#